data_8U93
#
_entry.id   8U93
#
_cell.length_a   96.406
_cell.length_b   96.406
_cell.length_c   205.982
_cell.angle_alpha   90.00
_cell.angle_beta   90.00
_cell.angle_gamma   120.00
#
_symmetry.space_group_name_H-M   'P 62 2 2'
#
loop_
_entity.id
_entity.type
_entity.pdbx_description
1 polymer 'N-acetylneuraminate lyase'
2 non-polymer 'CHLORIDE ION'
3 non-polymer 'POTASSIUM ION'
4 non-polymer 2,3-DIHYDROXY-1,4-DITHIOBUTANE
5 non-polymer DI(HYDROXYETHYL)ETHER
6 non-polymer 2-(2-{2-[2-(2-METHOXY-ETHOXY)-ETHOXY]-ETHOXY}-ETHOXY)-ETHANOL
7 water water
#
_entity_poly.entity_id   1
_entity_poly.type   'polypeptide(L)'
_entity_poly.pdbx_seq_one_letter_code
;MAHHHHHHMVSHLRGVMPALLTPFDAQQNIDRASLRRLVRFNIEQGVDGVYVGGSTGEAFVQSLSEREEVLEIVAEEAKG
KITLIAHVGCVSTAESQQLAAAAKRYGFDAVSAVTPFYYPFSFEEHCDHYRAIIDSADGIPMVVYNIPALSGVKLTLEQI
NQLVTLPGVGAL(KPI)QTSGDLYQMEQIRRAHPELVLYNGYDEIFASGLLAGADGGIGSTYNIMAWRYLGIVQALKEGD
TAKAQQLQHECNKVIDLLVKVGVFRGLKTVLHYMDVLSVPLCRKPFAPVEDKFQAELKALAQQLMQERG
;
_entity_poly.pdbx_strand_id   A
#
# COMPACT_ATOMS: atom_id res chain seq x y z
N MET A 9 -18.57 -11.32 -1.93
CA MET A 9 -18.62 -10.31 -0.83
C MET A 9 -17.26 -9.67 -0.58
N VAL A 10 -16.23 -10.09 -1.31
CA VAL A 10 -14.90 -9.50 -1.17
C VAL A 10 -14.29 -9.18 -2.53
N SER A 11 -15.08 -9.34 -3.60
CA SER A 11 -14.53 -9.14 -4.94
C SER A 11 -14.19 -7.68 -5.22
N HIS A 12 -14.86 -6.75 -4.53
CA HIS A 12 -14.54 -5.33 -4.69
C HIS A 12 -13.16 -4.99 -4.13
N LEU A 13 -12.49 -5.94 -3.48
CA LEU A 13 -11.18 -5.66 -2.93
C LEU A 13 -10.06 -5.94 -3.91
N ARG A 14 -10.34 -6.66 -5.00
CA ARG A 14 -9.33 -7.06 -5.97
C ARG A 14 -8.91 -5.84 -6.79
N GLY A 15 -7.61 -5.64 -6.95
CA GLY A 15 -7.17 -4.68 -7.95
C GLY A 15 -5.85 -4.02 -7.57
N VAL A 16 -5.62 -2.90 -8.24
CA VAL A 16 -4.40 -2.10 -8.13
C VAL A 16 -4.69 -0.89 -7.26
N MET A 17 -4.04 -0.81 -6.10
CA MET A 17 -4.31 0.24 -5.12
C MET A 17 -3.03 0.86 -4.61
N PRO A 18 -2.80 2.15 -4.83
CA PRO A 18 -1.64 2.80 -4.22
C PRO A 18 -1.69 2.75 -2.70
N ALA A 19 -0.53 2.52 -2.13
CA ALA A 19 -0.29 2.70 -0.71
C ALA A 19 -0.04 4.18 -0.52
N LEU A 20 -1.04 4.90 -0.01
CA LEU A 20 -0.98 6.34 0.01
C LEU A 20 0.13 6.88 0.89
N LEU A 21 0.86 7.86 0.36
CA LEU A 21 1.79 8.65 1.15
C LEU A 21 1.01 9.66 2.00
N THR A 22 1.59 10.06 3.13
CA THR A 22 1.00 11.13 3.94
C THR A 22 1.80 12.40 3.74
N PRO A 23 1.26 13.43 3.08
CA PRO A 23 2.00 14.68 2.94
C PRO A 23 2.11 15.42 4.26
N PHE A 24 3.29 15.96 4.47
CA PHE A 24 3.59 16.78 5.63
C PHE A 24 3.91 18.17 5.10
N ASP A 25 3.70 19.17 5.94
CA ASP A 25 4.03 20.53 5.57
C ASP A 25 5.45 20.77 6.02
N ALA A 26 5.89 22.03 5.95
CA ALA A 26 7.30 22.35 6.16
C ALA A 26 7.73 22.16 7.61
N GLN A 27 6.78 22.04 8.55
CA GLN A 27 7.07 21.88 9.97
C GLN A 27 6.83 20.47 10.48
N GLN A 28 6.55 19.51 9.60
CA GLN A 28 6.31 18.10 9.88
C GLN A 28 4.87 17.85 10.29
N ASN A 29 4.00 18.85 10.26
CA ASN A 29 2.58 18.60 10.46
C ASN A 29 1.94 18.06 9.19
N ILE A 30 0.88 17.27 9.34
CA ILE A 30 0.10 16.81 8.19
C ILE A 30 -0.32 18.00 7.33
N ASP A 31 -0.10 17.88 6.02
CA ASP A 31 -0.56 18.87 5.02
C ASP A 31 -1.88 18.35 4.49
N ARG A 32 -2.99 18.86 5.06
CA ARG A 32 -4.30 18.31 4.74
C ARG A 32 -4.73 18.66 3.32
N ALA A 33 -4.38 19.85 2.84
CA ALA A 33 -4.75 20.22 1.48
C ALA A 33 -4.04 19.32 0.47
N SER A 34 -2.76 19.03 0.67
CA SER A 34 -2.05 18.17 -0.28
C SER A 34 -2.50 16.72 -0.16
N LEU A 35 -2.86 16.28 1.05
CA LEU A 35 -3.44 14.95 1.19
C LEU A 35 -4.69 14.81 0.34
N ARG A 36 -5.59 15.80 0.40
CA ARG A 36 -6.81 15.71 -0.39
C ARG A 36 -6.49 15.68 -1.88
N ARG A 37 -5.56 16.52 -2.30
CA ARG A 37 -5.18 16.54 -3.71
C ARG A 37 -4.54 15.22 -4.13
N LEU A 38 -3.73 14.60 -3.27
CA LEU A 38 -3.13 13.31 -3.63
C LEU A 38 -4.20 12.23 -3.80
N VAL A 39 -5.23 12.24 -2.96
CA VAL A 39 -6.31 11.28 -3.10
C VAL A 39 -6.98 11.47 -4.45
N ARG A 40 -7.31 12.71 -4.81
CA ARG A 40 -7.97 12.98 -6.07
C ARG A 40 -7.06 12.64 -7.24
N PHE A 41 -5.76 12.85 -7.09
CA PHE A 41 -4.81 12.49 -8.14
C PHE A 41 -4.81 10.98 -8.38
N ASN A 42 -4.80 10.18 -7.32
CA ASN A 42 -4.84 8.73 -7.51
C ASN A 42 -6.16 8.29 -8.09
N ILE A 43 -7.27 8.90 -7.69
CA ILE A 43 -8.55 8.55 -8.29
C ILE A 43 -8.51 8.80 -9.79
N GLU A 44 -7.96 9.95 -10.20
CA GLU A 44 -7.92 10.33 -11.61
C GLU A 44 -6.94 9.47 -12.40
N GLN A 45 -6.12 8.68 -11.74
CA GLN A 45 -5.25 7.71 -12.40
C GLN A 45 -5.98 6.43 -12.75
N GLY A 46 -7.24 6.30 -12.36
CA GLY A 46 -7.97 5.08 -12.65
C GLY A 46 -7.71 3.93 -11.73
N VAL A 47 -7.20 4.18 -10.51
CA VAL A 47 -6.92 3.07 -9.60
C VAL A 47 -8.22 2.49 -9.06
N ASP A 48 -8.12 1.27 -8.55
CA ASP A 48 -9.27 0.54 -8.03
C ASP A 48 -9.56 0.86 -6.57
N GLY A 49 -8.58 1.40 -5.86
CA GLY A 49 -8.71 1.64 -4.44
C GLY A 49 -7.47 2.38 -3.95
N VAL A 50 -7.52 2.80 -2.68
CA VAL A 50 -6.35 3.34 -2.00
C VAL A 50 -6.19 2.66 -0.65
N TYR A 51 -4.94 2.46 -0.25
CA TYR A 51 -4.53 1.82 0.99
C TYR A 51 -3.94 2.91 1.86
N VAL A 52 -4.61 3.21 2.98
CA VAL A 52 -4.35 4.41 3.76
C VAL A 52 -3.74 4.04 5.10
N GLY A 53 -2.74 4.83 5.51
CA GLY A 53 -2.12 4.64 6.81
C GLY A 53 -1.21 3.44 6.92
N GLY A 54 -0.69 2.96 5.80
CA GLY A 54 0.29 1.89 5.83
C GLY A 54 1.67 2.39 6.17
N SER A 55 2.66 1.47 6.12
CA SER A 55 4.03 1.90 6.36
C SER A 55 4.41 3.02 5.41
N THR A 56 3.96 2.92 4.14
CA THR A 56 4.24 3.92 3.12
C THR A 56 3.67 5.28 3.52
N GLY A 57 2.57 5.27 4.22
CA GLY A 57 1.95 6.45 4.76
C GLY A 57 2.65 7.00 5.96
N GLU A 58 3.80 6.42 6.33
CA GLU A 58 4.57 6.88 7.50
C GLU A 58 3.74 6.75 8.77
N ALA A 59 2.92 5.71 8.83
CA ALA A 59 2.09 5.47 10.01
C ALA A 59 2.93 5.39 11.28
N PHE A 60 4.12 4.81 11.20
CA PHE A 60 4.84 4.50 12.43
C PHE A 60 5.65 5.66 12.97
N VAL A 61 5.56 6.84 12.33
CA VAL A 61 6.04 8.08 12.90
C VAL A 61 4.87 9.04 13.13
N GLN A 62 3.64 8.52 13.21
CA GLN A 62 2.45 9.30 13.52
C GLN A 62 1.76 8.79 14.79
N SER A 63 1.09 9.69 15.51
CA SER A 63 0.24 9.32 16.64
C SER A 63 -1.07 8.68 16.14
N LEU A 64 -1.81 8.10 17.08
CA LEU A 64 -3.12 7.54 16.71
C LEU A 64 -4.04 8.63 16.18
N SER A 65 -4.06 9.79 16.82
CA SER A 65 -5.03 10.80 16.39
C SER A 65 -4.66 11.36 15.02
N GLU A 66 -3.34 11.45 14.72
CA GLU A 66 -2.90 11.81 13.39
C GLU A 66 -3.34 10.77 12.36
N ARG A 67 -3.20 9.48 12.69
CA ARG A 67 -3.62 8.46 11.73
C ARG A 67 -5.13 8.51 11.49
N GLU A 68 -5.92 8.73 12.56
CA GLU A 68 -7.37 8.83 12.41
C GLU A 68 -7.74 10.03 11.54
N GLU A 69 -7.03 11.15 11.72
CA GLU A 69 -7.26 12.34 10.92
C GLU A 69 -7.10 12.02 9.43
N VAL A 70 -6.03 11.30 9.09
CA VAL A 70 -5.76 10.94 7.70
C VAL A 70 -6.85 10.04 7.17
N LEU A 71 -7.19 8.98 7.91
CA LEU A 71 -8.29 8.11 7.51
C LEU A 71 -9.55 8.90 7.20
N GLU A 72 -9.92 9.80 8.11
CA GLU A 72 -11.17 10.52 7.93
C GLU A 72 -11.12 11.41 6.70
N ILE A 73 -9.99 12.09 6.48
CA ILE A 73 -9.86 12.94 5.30
C ILE A 73 -9.97 12.11 4.03
N VAL A 74 -9.28 10.97 3.98
CA VAL A 74 -9.28 10.20 2.74
C VAL A 74 -10.67 9.65 2.47
N ALA A 75 -11.39 9.20 3.51
CA ALA A 75 -12.75 8.75 3.29
C ALA A 75 -13.63 9.88 2.75
N GLU A 76 -13.41 11.10 3.23
CA GLU A 76 -14.21 12.21 2.72
C GLU A 76 -14.03 12.38 1.22
N GLU A 77 -12.81 12.15 0.72
CA GLU A 77 -12.51 12.37 -0.69
C GLU A 77 -12.88 11.19 -1.57
N ALA A 78 -12.79 9.97 -1.04
CA ALA A 78 -12.80 8.78 -1.86
C ALA A 78 -14.02 7.88 -1.66
N LYS A 79 -14.77 8.02 -0.58
CA LYS A 79 -15.79 7.02 -0.29
C LYS A 79 -16.80 6.99 -1.43
N GLY A 80 -17.16 5.78 -1.86
CA GLY A 80 -18.08 5.61 -2.96
C GLY A 80 -17.47 5.81 -4.33
N LYS A 81 -16.23 6.29 -4.41
CA LYS A 81 -15.57 6.51 -5.69
C LYS A 81 -14.57 5.40 -6.01
N ILE A 82 -13.78 4.99 -5.03
CA ILE A 82 -12.86 3.88 -5.15
C ILE A 82 -12.90 3.11 -3.84
N THR A 83 -12.37 1.90 -3.87
CA THR A 83 -12.30 1.09 -2.66
C THR A 83 -11.36 1.74 -1.65
N LEU A 84 -11.76 1.71 -0.38
CA LEU A 84 -11.00 2.33 0.71
C LEU A 84 -10.55 1.25 1.69
N ILE A 85 -9.24 1.08 1.83
CA ILE A 85 -8.71 0.14 2.81
C ILE A 85 -7.91 0.92 3.83
N ALA A 86 -8.22 0.71 5.11
CA ALA A 86 -7.56 1.41 6.20
C ALA A 86 -6.57 0.48 6.86
N HIS A 87 -5.29 0.83 6.81
CA HIS A 87 -4.32 0.09 7.60
C HIS A 87 -4.36 0.62 9.03
N VAL A 88 -4.83 -0.23 9.95
CA VAL A 88 -5.03 0.11 11.34
C VAL A 88 -3.98 -0.50 12.23
N GLY A 89 -2.98 -1.17 11.67
CA GLY A 89 -2.08 -1.97 12.48
C GLY A 89 -1.14 -1.12 13.32
N CYS A 90 -1.03 -1.47 14.60
CA CYS A 90 0.00 -1.02 15.51
C CYS A 90 0.57 -2.26 16.18
N VAL A 91 1.60 -2.08 17.01
CA VAL A 91 2.03 -3.19 17.87
C VAL A 91 0.92 -3.53 18.86
N SER A 92 0.31 -2.49 19.46
CA SER A 92 -0.76 -2.68 20.43
C SER A 92 -2.04 -3.15 19.76
N THR A 93 -2.66 -4.17 20.33
CA THR A 93 -3.98 -4.58 19.86
C THR A 93 -5.02 -3.49 20.13
N ALA A 94 -5.01 -2.92 21.33
CA ALA A 94 -6.01 -1.90 21.68
C ALA A 94 -5.88 -0.66 20.79
N GLU A 95 -4.65 -0.23 20.49
CA GLU A 95 -4.48 0.87 19.55
C GLU A 95 -5.04 0.50 18.17
N SER A 96 -4.74 -0.72 17.70
CA SER A 96 -5.24 -1.15 16.39
C SER A 96 -6.77 -1.18 16.36
N GLN A 97 -7.39 -1.60 17.47
CA GLN A 97 -8.84 -1.66 17.55
C GLN A 97 -9.45 -0.26 17.51
N GLN A 98 -8.78 0.70 18.12
CA GLN A 98 -9.28 2.07 18.06
C GLN A 98 -9.30 2.56 16.61
N LEU A 99 -8.22 2.34 15.88
CA LEU A 99 -8.16 2.77 14.49
C LEU A 99 -9.18 2.02 13.64
N ALA A 100 -9.36 0.71 13.90
CA ALA A 100 -10.36 -0.05 13.15
C ALA A 100 -11.78 0.46 13.43
N ALA A 101 -12.11 0.77 14.69
CA ALA A 101 -13.42 1.35 14.98
C ALA A 101 -13.62 2.66 14.24
N ALA A 102 -12.58 3.49 14.17
CA ALA A 102 -12.64 4.75 13.43
C ALA A 102 -12.85 4.50 11.95
N ALA A 103 -12.07 3.58 11.36
CA ALA A 103 -12.23 3.30 9.94
C ALA A 103 -13.66 2.88 9.64
N LYS A 104 -14.28 2.15 10.57
CA LYS A 104 -15.66 1.75 10.38
C LYS A 104 -16.56 2.98 10.40
N ARG A 105 -16.36 3.86 11.39
CA ARG A 105 -17.17 5.07 11.48
C ARG A 105 -17.05 5.92 10.23
N TYR A 106 -15.88 5.92 9.59
CA TYR A 106 -15.65 6.78 8.44
C TYR A 106 -16.09 6.14 7.13
N GLY A 107 -16.49 4.87 7.14
CA GLY A 107 -17.02 4.26 5.94
C GLY A 107 -16.00 3.51 5.10
N PHE A 108 -14.93 3.02 5.70
CA PHE A 108 -13.95 2.28 4.92
C PHE A 108 -14.57 0.95 4.49
N ASP A 109 -14.02 0.39 3.43
CA ASP A 109 -14.49 -0.89 2.91
C ASP A 109 -13.76 -2.07 3.52
N ALA A 110 -12.57 -1.83 4.06
CA ALA A 110 -11.81 -2.88 4.71
C ALA A 110 -10.80 -2.24 5.65
N VAL A 111 -10.29 -3.07 6.56
CA VAL A 111 -9.15 -2.71 7.37
C VAL A 111 -8.04 -3.69 7.05
N SER A 112 -6.83 -3.33 7.48
CA SER A 112 -5.63 -4.13 7.29
C SER A 112 -4.75 -3.94 8.52
N ALA A 113 -3.95 -4.95 8.87
CA ALA A 113 -3.02 -4.73 9.96
C ALA A 113 -1.76 -5.53 9.72
N VAL A 114 -0.62 -4.85 9.81
CA VAL A 114 0.68 -5.53 9.74
C VAL A 114 0.81 -6.48 10.92
N THR A 115 1.53 -7.58 10.72
CA THR A 115 1.82 -8.48 11.83
C THR A 115 2.52 -7.67 12.92
N PRO A 116 2.06 -7.73 14.17
CA PRO A 116 2.68 -6.88 15.20
C PRO A 116 4.13 -7.25 15.38
N PHE A 117 4.96 -6.23 15.56
CA PHE A 117 6.40 -6.36 15.38
C PHE A 117 7.14 -5.89 16.63
N TYR A 118 8.48 -5.92 16.53
CA TYR A 118 9.46 -5.59 17.55
C TYR A 118 9.53 -6.68 18.61
N TYR A 119 8.44 -6.91 19.32
CA TYR A 119 8.42 -7.98 20.30
C TYR A 119 8.06 -9.30 19.61
N PRO A 120 8.69 -10.41 20.02
CA PRO A 120 8.27 -11.73 19.54
C PRO A 120 6.91 -12.12 20.09
N PHE A 121 5.96 -12.37 19.19
CA PHE A 121 4.67 -12.92 19.54
C PHE A 121 4.48 -14.30 18.91
N SER A 122 3.80 -15.19 19.61
CA SER A 122 3.45 -16.50 19.09
C SER A 122 2.45 -16.35 17.95
N PHE A 123 2.29 -17.42 17.17
CA PHE A 123 1.32 -17.36 16.07
C PHE A 123 -0.10 -17.20 16.61
N GLU A 124 -0.43 -17.89 17.71
CA GLU A 124 -1.76 -17.73 18.30
C GLU A 124 -1.99 -16.30 18.77
N GLU A 125 -0.93 -15.64 19.29
CA GLU A 125 -1.06 -14.23 19.66
C GLU A 125 -1.35 -13.37 18.43
N HIS A 126 -0.71 -13.67 17.30
CA HIS A 126 -1.03 -12.98 16.07
C HIS A 126 -2.50 -13.19 15.69
N CYS A 127 -2.98 -14.43 15.76
CA CYS A 127 -4.36 -14.70 15.40
C CYS A 127 -5.33 -13.96 16.31
N ASP A 128 -5.07 -13.99 17.61
CA ASP A 128 -5.97 -13.30 18.55
C ASP A 128 -5.95 -11.79 18.31
N HIS A 129 -4.79 -11.25 17.91
CA HIS A 129 -4.68 -9.83 17.56
C HIS A 129 -5.58 -9.51 16.38
N TYR A 130 -5.51 -10.31 15.31
CA TYR A 130 -6.38 -10.09 14.16
C TYR A 130 -7.86 -10.27 14.54
N ARG A 131 -8.17 -11.29 15.35
CA ARG A 131 -9.56 -11.50 15.75
C ARG A 131 -10.10 -10.27 16.47
N ALA A 132 -9.30 -9.69 17.37
CA ALA A 132 -9.75 -8.51 18.12
C ALA A 132 -10.00 -7.32 17.20
N ILE A 133 -9.14 -7.13 16.20
CA ILE A 133 -9.29 -6.02 15.28
C ILE A 133 -10.51 -6.23 14.40
N ILE A 134 -10.70 -7.46 13.91
CA ILE A 134 -11.87 -7.79 13.12
C ILE A 134 -13.14 -7.47 13.88
N ASP A 135 -13.18 -7.81 15.16
CA ASP A 135 -14.36 -7.53 15.96
C ASP A 135 -14.62 -6.02 16.04
N SER A 136 -13.57 -5.23 16.31
CA SER A 136 -13.72 -3.78 16.37
C SER A 136 -14.08 -3.18 15.02
N ALA A 137 -13.65 -3.81 13.91
CA ALA A 137 -14.04 -3.34 12.58
C ALA A 137 -15.52 -3.53 12.30
N ASP A 138 -16.24 -4.35 13.09
CA ASP A 138 -17.70 -4.32 13.12
C ASP A 138 -18.32 -4.57 11.74
N GLY A 139 -17.77 -5.53 11.01
CA GLY A 139 -18.40 -6.02 9.80
C GLY A 139 -17.69 -5.75 8.49
N ILE A 140 -16.63 -4.95 8.46
CA ILE A 140 -15.88 -4.81 7.22
C ILE A 140 -14.69 -5.78 7.25
N PRO A 141 -14.30 -6.34 6.10
CA PRO A 141 -13.29 -7.41 6.09
C PRO A 141 -11.90 -6.91 6.44
N MET A 142 -11.04 -7.88 6.79
CA MET A 142 -9.66 -7.63 7.17
C MET A 142 -8.72 -8.13 6.07
N VAL A 143 -7.72 -7.31 5.77
CA VAL A 143 -6.59 -7.70 4.92
C VAL A 143 -5.42 -8.05 5.83
N VAL A 144 -5.00 -9.32 5.80
CA VAL A 144 -3.85 -9.75 6.57
C VAL A 144 -2.56 -9.46 5.82
N TYR A 145 -1.43 -9.42 6.55
CA TYR A 145 -0.07 -9.38 6.02
C TYR A 145 0.68 -10.71 6.10
N ASN A 146 1.61 -10.89 5.15
CA ASN A 146 2.73 -11.81 5.28
C ASN A 146 4.02 -11.13 5.72
N ILE A 147 4.35 -9.96 5.16
CA ILE A 147 5.54 -9.14 5.44
C ILE A 147 6.55 -9.80 6.37
N PRO A 148 7.67 -10.31 5.84
CA PRO A 148 8.77 -10.73 6.72
C PRO A 148 9.98 -9.78 6.73
N ALA A 149 10.18 -8.96 5.68
CA ALA A 149 11.43 -8.21 5.57
C ALA A 149 11.50 -6.99 6.49
N LEU A 150 10.42 -6.22 6.58
CA LEU A 150 10.38 -5.02 7.42
C LEU A 150 9.99 -5.33 8.86
N SER A 151 9.09 -6.31 9.06
CA SER A 151 8.57 -6.65 10.37
C SER A 151 9.41 -7.69 11.10
N GLY A 152 10.20 -8.47 10.38
CA GLY A 152 10.94 -9.53 11.01
C GLY A 152 10.12 -10.75 11.33
N VAL A 153 8.85 -10.79 10.90
CA VAL A 153 7.96 -11.92 11.17
C VAL A 153 7.94 -12.84 9.93
N LYS A 154 8.44 -14.07 10.11
CA LYS A 154 8.73 -15.01 9.03
C LYS A 154 7.78 -16.21 9.13
N LEU A 155 6.60 -16.08 8.50
CA LEU A 155 5.48 -17.01 8.64
C LEU A 155 5.57 -18.18 7.68
N THR A 156 5.08 -19.34 8.13
CA THR A 156 5.05 -20.53 7.31
C THR A 156 3.84 -20.51 6.38
N LEU A 157 3.85 -21.42 5.40
CA LEU A 157 2.70 -21.51 4.51
C LEU A 157 1.48 -22.01 5.26
N GLU A 158 1.65 -22.98 6.16
CA GLU A 158 0.50 -23.48 6.92
C GLU A 158 -0.10 -22.38 7.80
N GLN A 159 0.73 -21.48 8.31
CA GLN A 159 0.19 -20.41 9.14
C GLN A 159 -0.60 -19.41 8.29
N ILE A 160 -0.08 -19.09 7.10
CA ILE A 160 -0.81 -18.26 6.17
C ILE A 160 -2.20 -18.82 5.89
N ASN A 161 -2.27 -20.12 5.70
CA ASN A 161 -3.56 -20.74 5.39
C ASN A 161 -4.54 -20.58 6.54
N GLN A 162 -4.06 -20.60 7.78
CA GLN A 162 -4.98 -20.38 8.88
C GLN A 162 -5.36 -18.90 9.02
N LEU A 163 -4.45 -18.00 8.68
CA LEU A 163 -4.80 -16.58 8.73
C LEU A 163 -5.88 -16.23 7.73
N VAL A 164 -5.75 -16.69 6.48
CA VAL A 164 -6.71 -16.31 5.46
C VAL A 164 -8.03 -17.02 5.65
N THR A 165 -8.07 -17.99 6.55
CA THR A 165 -9.29 -18.68 6.96
C THR A 165 -9.95 -18.08 8.18
N LEU A 166 -9.29 -17.16 8.86
CA LEU A 166 -9.91 -16.54 10.01
C LEU A 166 -11.23 -15.91 9.59
N PRO A 167 -12.31 -16.10 10.36
CA PRO A 167 -13.56 -15.40 10.06
C PRO A 167 -13.37 -13.91 9.97
N GLY A 168 -13.77 -13.30 8.84
CA GLY A 168 -13.65 -11.88 8.64
C GLY A 168 -12.46 -11.46 7.82
N VAL A 169 -11.54 -12.37 7.51
CA VAL A 169 -10.40 -12.05 6.66
C VAL A 169 -10.83 -12.16 5.20
N GLY A 170 -10.64 -11.08 4.45
CA GLY A 170 -11.00 -11.10 3.05
C GLY A 170 -9.88 -11.02 2.04
N ALA A 171 -8.62 -10.90 2.47
CA ALA A 171 -7.54 -10.74 1.51
C ALA A 171 -6.21 -10.89 2.21
N LEU A 172 -5.17 -11.11 1.40
CA LEU A 172 -3.81 -11.18 1.90
C LEU A 172 -2.93 -10.21 1.14
N GLN A 174 0.54 -9.75 0.23
CA GLN A 174 1.73 -10.59 0.21
C GLN A 174 2.95 -9.74 -0.10
N THR A 175 3.58 -9.22 0.93
CA THR A 175 4.74 -8.36 0.82
CA THR A 175 4.75 -8.35 0.74
C THR A 175 5.99 -9.21 0.95
N SER A 176 6.19 -10.03 -0.07
CA SER A 176 7.29 -10.97 -0.12
C SER A 176 7.68 -11.13 -1.57
N GLY A 177 8.96 -11.34 -1.80
CA GLY A 177 9.51 -11.64 -3.11
C GLY A 177 9.59 -13.13 -3.41
N ASP A 178 9.02 -13.99 -2.54
CA ASP A 178 9.02 -15.45 -2.73
C ASP A 178 7.84 -15.81 -3.61
N LEU A 179 8.06 -15.99 -4.91
CA LEU A 179 6.95 -16.29 -5.80
C LEU A 179 6.65 -17.79 -5.89
N TYR A 180 7.42 -18.63 -5.24
CA TYR A 180 6.97 -20.00 -4.99
C TYR A 180 5.82 -19.97 -3.98
N GLN A 181 6.02 -19.30 -2.86
CA GLN A 181 4.94 -19.15 -1.88
C GLN A 181 3.73 -18.43 -2.47
N MET A 182 3.95 -17.40 -3.29
CA MET A 182 2.82 -16.77 -3.94
C MET A 182 2.00 -17.80 -4.70
N GLU A 183 2.66 -18.66 -5.47
CA GLU A 183 1.93 -19.65 -6.26
C GLU A 183 1.26 -20.66 -5.36
N GLN A 184 1.93 -21.05 -4.25
CA GLN A 184 1.32 -22.02 -3.34
C GLN A 184 0.07 -21.43 -2.68
N ILE A 185 0.11 -20.16 -2.33
CA ILE A 185 -1.05 -19.51 -1.72
C ILE A 185 -2.22 -19.51 -2.71
N ARG A 186 -1.96 -19.08 -3.94
CA ARG A 186 -3.00 -19.09 -4.97
C ARG A 186 -3.56 -20.49 -5.20
N ARG A 187 -2.70 -21.51 -5.29
CA ARG A 187 -3.17 -22.87 -5.53
C ARG A 187 -4.02 -23.36 -4.36
N ALA A 188 -3.66 -22.98 -3.14
CA ALA A 188 -4.47 -23.41 -1.99
C ALA A 188 -5.75 -22.60 -1.83
N HIS A 189 -5.79 -21.38 -2.34
CA HIS A 189 -6.92 -20.46 -2.15
C HIS A 189 -7.25 -19.82 -3.49
N PRO A 190 -7.96 -20.54 -4.37
CA PRO A 190 -8.17 -20.05 -5.73
C PRO A 190 -8.99 -18.78 -5.80
N GLU A 191 -9.75 -18.46 -4.76
CA GLU A 191 -10.62 -17.28 -4.76
C GLU A 191 -10.07 -16.11 -3.96
N LEU A 192 -8.96 -16.31 -3.26
CA LEU A 192 -8.43 -15.31 -2.35
C LEU A 192 -7.99 -14.06 -3.08
N VAL A 193 -8.35 -12.90 -2.53
CA VAL A 193 -7.81 -11.63 -2.98
C VAL A 193 -6.37 -11.55 -2.49
N LEU A 194 -5.45 -11.41 -3.43
CA LEU A 194 -4.04 -11.68 -3.15
C LEU A 194 -3.21 -10.55 -3.75
N TYR A 195 -2.76 -9.62 -2.90
CA TYR A 195 -2.06 -8.44 -3.38
C TYR A 195 -0.57 -8.67 -3.46
N ASN A 196 0.01 -8.35 -4.62
CA ASN A 196 1.46 -8.29 -4.75
C ASN A 196 1.97 -7.06 -4.01
N GLY A 197 2.93 -7.25 -3.10
CA GLY A 197 3.47 -6.16 -2.31
C GLY A 197 4.80 -5.57 -2.74
N TYR A 198 5.59 -6.28 -3.56
CA TYR A 198 6.89 -5.82 -4.05
C TYR A 198 6.67 -5.26 -5.46
N ASP A 199 6.63 -3.92 -5.59
CA ASP A 199 6.35 -3.32 -6.90
C ASP A 199 7.30 -3.80 -7.98
N GLU A 200 8.60 -3.95 -7.65
CA GLU A 200 9.64 -4.31 -8.60
C GLU A 200 9.52 -5.72 -9.19
N ILE A 201 8.54 -6.53 -8.78
CA ILE A 201 8.32 -7.81 -9.41
C ILE A 201 6.85 -7.99 -9.79
N PHE A 202 6.10 -6.86 -9.87
CA PHE A 202 4.65 -6.90 -10.09
C PHE A 202 4.24 -7.86 -11.22
N ALA A 203 4.80 -7.71 -12.41
CA ALA A 203 4.41 -8.59 -13.50
C ALA A 203 4.63 -10.06 -13.14
N SER A 204 5.78 -10.38 -12.55
CA SER A 204 6.07 -11.75 -12.19
C SER A 204 5.17 -12.22 -11.03
N GLY A 205 4.80 -11.32 -10.13
CA GLY A 205 3.93 -11.68 -9.02
C GLY A 205 2.52 -11.98 -9.46
N LEU A 206 2.00 -11.18 -10.40
CA LEU A 206 0.73 -11.50 -11.02
C LEU A 206 0.79 -12.86 -11.71
N LEU A 207 1.83 -13.09 -12.50
CA LEU A 207 1.95 -14.38 -13.14
C LEU A 207 2.00 -15.53 -12.13
N ALA A 208 2.62 -15.29 -10.97
CA ALA A 208 2.70 -16.34 -9.96
C ALA A 208 1.41 -16.52 -9.16
N GLY A 209 0.40 -15.67 -9.36
CA GLY A 209 -0.85 -15.89 -8.65
C GLY A 209 -1.53 -14.66 -8.06
N ALA A 210 -0.80 -13.58 -7.76
CA ALA A 210 -1.47 -12.36 -7.29
C ALA A 210 -2.51 -11.88 -8.30
N ASP A 211 -3.62 -11.32 -7.81
CA ASP A 211 -4.64 -10.81 -8.73
C ASP A 211 -4.77 -9.30 -8.58
N GLY A 212 -3.77 -8.66 -7.98
CA GLY A 212 -3.76 -7.23 -7.83
C GLY A 212 -2.49 -6.84 -7.09
N GLY A 213 -2.48 -5.64 -6.55
CA GLY A 213 -1.30 -5.21 -5.84
C GLY A 213 -1.58 -3.96 -5.03
N ILE A 214 -0.77 -3.76 -3.99
CA ILE A 214 -0.71 -2.53 -3.20
C ILE A 214 0.73 -2.10 -3.18
N GLY A 215 1.01 -0.87 -3.58
CA GLY A 215 2.38 -0.44 -3.77
C GLY A 215 2.53 1.04 -3.63
N SER A 216 3.70 1.45 -3.13
CA SER A 216 3.98 2.87 -2.93
C SER A 216 4.25 3.59 -4.25
N THR A 217 4.85 2.93 -5.23
CA THR A 217 5.24 3.61 -6.46
C THR A 217 4.05 3.79 -7.37
N TYR A 218 2.92 3.16 -7.05
CA TYR A 218 1.73 3.37 -7.84
C TYR A 218 1.27 4.83 -7.73
N ASN A 219 1.72 5.57 -6.71
CA ASN A 219 1.27 6.97 -6.58
C ASN A 219 1.75 7.84 -7.74
N ILE A 220 2.83 7.45 -8.43
CA ILE A 220 3.36 8.30 -9.50
C ILE A 220 3.21 7.69 -10.88
N MET A 221 2.81 6.42 -10.97
CA MET A 221 2.74 5.79 -12.29
C MET A 221 1.76 4.61 -12.28
N ALA A 222 0.57 4.83 -11.70
CA ALA A 222 -0.38 3.73 -11.61
C ALA A 222 -0.73 3.16 -12.98
N TRP A 223 -0.74 3.99 -14.03
CA TRP A 223 -1.17 3.50 -15.33
C TRP A 223 -0.23 2.43 -15.87
N ARG A 224 1.03 2.44 -15.43
CA ARG A 224 1.93 1.36 -15.83
C ARG A 224 1.54 0.04 -15.20
N TYR A 225 1.21 0.03 -13.91
CA TYR A 225 0.82 -1.22 -13.26
C TYR A 225 -0.54 -1.69 -13.77
N LEU A 226 -1.48 -0.76 -13.98
CA LEU A 226 -2.72 -1.13 -14.63
C LEU A 226 -2.47 -1.68 -16.03
N GLY A 227 -1.47 -1.14 -16.72
CA GLY A 227 -1.14 -1.65 -18.04
C GLY A 227 -0.50 -3.02 -18.03
N ILE A 228 0.22 -3.35 -16.95
CA ILE A 228 0.76 -4.69 -16.84
C ILE A 228 -0.37 -5.70 -16.62
N VAL A 229 -1.30 -5.38 -15.72
CA VAL A 229 -2.47 -6.23 -15.56
C VAL A 229 -3.11 -6.50 -16.92
N GLN A 230 -3.30 -5.43 -17.70
CA GLN A 230 -3.98 -5.53 -18.98
C GLN A 230 -3.16 -6.34 -19.99
N ALA A 231 -1.85 -6.09 -20.03
CA ALA A 231 -0.99 -6.82 -20.96
C ALA A 231 -1.02 -8.32 -20.69
N LEU A 232 -0.93 -8.71 -19.43
CA LEU A 232 -0.98 -10.13 -19.10
C LEU A 232 -2.34 -10.72 -19.46
N LYS A 233 -3.43 -9.99 -19.20
CA LYS A 233 -4.73 -10.50 -19.60
C LYS A 233 -4.82 -10.63 -21.12
N GLU A 234 -4.23 -9.68 -21.86
CA GLU A 234 -4.31 -9.66 -23.31
C GLU A 234 -3.43 -10.70 -23.97
N GLY A 235 -2.43 -11.21 -23.26
CA GLY A 235 -1.44 -12.07 -23.85
C GLY A 235 -0.21 -11.36 -24.39
N ASP A 236 0.01 -10.10 -24.01
CA ASP A 236 1.13 -9.33 -24.52
C ASP A 236 2.30 -9.40 -23.53
N THR A 237 2.98 -10.55 -23.58
CA THR A 237 4.11 -10.83 -22.72
C THR A 237 5.16 -9.74 -22.79
N ALA A 238 5.56 -9.38 -24.02
CA ALA A 238 6.58 -8.36 -24.20
C ALA A 238 6.14 -7.02 -23.61
N LYS A 239 4.87 -6.66 -23.75
CA LYS A 239 4.42 -5.39 -23.18
C LYS A 239 4.49 -5.39 -21.66
N ALA A 240 4.07 -6.49 -21.03
CA ALA A 240 4.23 -6.59 -19.59
C ALA A 240 5.69 -6.42 -19.19
N GLN A 241 6.61 -7.11 -19.89
CA GLN A 241 8.03 -7.02 -19.55
C GLN A 241 8.57 -5.63 -19.78
N GLN A 242 8.17 -4.99 -20.89
CA GLN A 242 8.61 -3.62 -21.14
C GLN A 242 8.12 -2.66 -20.05
N LEU A 243 6.86 -2.78 -19.66
CA LEU A 243 6.36 -1.88 -18.62
C LEU A 243 7.08 -2.11 -17.30
N GLN A 244 7.35 -3.37 -16.94
CA GLN A 244 8.05 -3.64 -15.69
C GLN A 244 9.47 -3.08 -15.74
N HIS A 245 10.14 -3.18 -16.91
CA HIS A 245 11.46 -2.58 -17.07
C HIS A 245 11.41 -1.09 -16.75
N GLU A 246 10.40 -0.40 -17.26
CA GLU A 246 10.30 1.04 -17.04
C GLU A 246 9.97 1.35 -15.59
N CYS A 247 9.05 0.59 -14.98
CA CYS A 247 8.84 0.69 -13.54
C CYS A 247 10.14 0.52 -12.76
N ASN A 248 10.96 -0.47 -13.13
CA ASN A 248 12.13 -0.73 -12.32
C ASN A 248 13.24 0.29 -12.58
N LYS A 249 13.28 0.90 -13.75
CA LYS A 249 14.19 2.04 -13.92
C LYS A 249 13.84 3.14 -12.93
N VAL A 250 12.54 3.32 -12.67
CA VAL A 250 12.09 4.31 -11.70
C VAL A 250 12.42 3.84 -10.29
N ILE A 251 12.15 2.56 -9.99
CA ILE A 251 12.40 2.07 -8.64
C ILE A 251 13.89 2.13 -8.33
N ASP A 252 14.76 1.82 -9.29
CA ASP A 252 16.20 1.98 -9.12
C ASP A 252 16.53 3.39 -8.59
N LEU A 253 16.01 4.41 -9.27
CA LEU A 253 16.26 5.79 -8.85
C LEU A 253 15.65 6.07 -7.47
N LEU A 254 14.45 5.56 -7.20
CA LEU A 254 13.84 5.81 -5.90
C LEU A 254 14.66 5.18 -4.79
N VAL A 255 15.25 4.01 -5.03
CA VAL A 255 16.07 3.38 -4.00
C VAL A 255 17.31 4.21 -3.73
N LYS A 256 17.90 4.76 -4.79
CA LYS A 256 19.10 5.56 -4.67
C LYS A 256 18.82 6.83 -3.86
N VAL A 257 17.67 7.43 -4.08
CA VAL A 257 17.40 8.72 -3.45
C VAL A 257 16.68 8.59 -2.10
N GLY A 258 16.04 7.46 -1.82
CA GLY A 258 15.15 7.27 -0.68
C GLY A 258 13.74 7.17 -1.22
N VAL A 259 13.01 6.07 -0.96
CA VAL A 259 11.81 5.78 -1.74
C VAL A 259 10.69 6.77 -1.41
N PHE A 260 10.32 6.91 -0.13
CA PHE A 260 9.16 7.75 0.18
C PHE A 260 9.42 9.20 -0.22
N ARG A 261 10.58 9.74 0.15
CA ARG A 261 10.85 11.12 -0.20
C ARG A 261 11.04 11.31 -1.70
N GLY A 262 11.58 10.31 -2.40
CA GLY A 262 11.64 10.43 -3.85
C GLY A 262 10.26 10.45 -4.48
N LEU A 263 9.36 9.61 -3.98
CA LEU A 263 7.99 9.62 -4.48
C LEU A 263 7.34 10.98 -4.21
N LYS A 264 7.50 11.47 -2.99
CA LYS A 264 6.89 12.76 -2.64
C LYS A 264 7.48 13.89 -3.46
N THR A 265 8.80 13.82 -3.74
CA THR A 265 9.42 14.85 -4.57
C THR A 265 8.86 14.81 -5.98
N VAL A 266 8.70 13.61 -6.55
CA VAL A 266 8.13 13.53 -7.89
C VAL A 266 6.71 14.12 -7.91
N LEU A 267 5.92 13.79 -6.91
CA LEU A 267 4.57 14.33 -6.81
C LEU A 267 4.59 15.83 -6.66
N HIS A 268 5.57 16.39 -5.96
CA HIS A 268 5.67 17.85 -5.86
C HIS A 268 5.97 18.46 -7.22
N TYR A 269 6.81 17.81 -8.03
CA TYR A 269 7.09 18.33 -9.36
C TYR A 269 5.93 18.08 -10.32
N MET A 270 5.01 17.20 -9.98
CA MET A 270 3.77 17.04 -10.72
C MET A 270 2.67 17.97 -10.21
N ASP A 271 2.97 18.85 -9.25
CA ASP A 271 2.00 19.83 -8.69
C ASP A 271 0.90 19.17 -7.85
N VAL A 272 1.20 18.00 -7.28
CA VAL A 272 0.26 17.30 -6.43
C VAL A 272 0.47 17.65 -4.95
N LEU A 273 1.71 17.62 -4.48
CA LEU A 273 2.06 17.93 -3.11
C LEU A 273 2.77 19.28 -3.06
N SER A 274 2.37 20.12 -2.10
CA SER A 274 3.03 21.40 -1.91
C SER A 274 4.43 21.24 -1.35
N VAL A 275 4.64 20.25 -0.49
CA VAL A 275 5.90 20.07 0.22
C VAL A 275 6.31 18.60 0.25
N PRO A 276 7.52 18.27 -0.19
CA PRO A 276 7.82 16.83 -0.37
C PRO A 276 8.53 16.18 0.81
N LEU A 277 8.38 16.70 2.02
CA LEU A 277 9.19 16.19 3.12
C LEU A 277 8.58 14.95 3.76
N CYS A 278 9.48 14.08 4.23
CA CYS A 278 9.17 12.99 5.14
C CYS A 278 9.43 13.47 6.56
N ARG A 279 8.91 12.72 7.54
CA ARG A 279 9.23 13.06 8.93
C ARG A 279 10.60 12.54 9.33
N LYS A 280 11.27 13.30 10.20
CA LYS A 280 12.51 12.82 10.80
C LYS A 280 12.25 11.51 11.54
N PRO A 281 13.19 10.56 11.50
CA PRO A 281 14.57 10.75 11.02
C PRO A 281 14.87 10.62 9.52
N PHE A 282 13.89 10.48 8.62
CA PHE A 282 14.17 10.62 7.19
C PHE A 282 14.79 11.98 6.90
N ALA A 283 15.97 11.99 6.29
CA ALA A 283 16.55 13.24 5.82
C ALA A 283 15.81 13.75 4.58
N PRO A 284 15.96 15.03 4.25
CA PRO A 284 15.50 15.52 2.95
C PRO A 284 16.30 14.90 1.80
N VAL A 285 15.74 15.02 0.60
CA VAL A 285 16.44 14.56 -0.60
C VAL A 285 17.71 15.36 -0.81
N GLU A 286 18.79 14.68 -1.21
CA GLU A 286 20.02 15.40 -1.48
C GLU A 286 19.88 16.26 -2.74
N ASP A 287 20.51 17.43 -2.73
CA ASP A 287 20.36 18.36 -3.85
C ASP A 287 20.76 17.71 -5.17
N LYS A 288 21.77 16.83 -5.15
CA LYS A 288 22.30 16.27 -6.39
C LYS A 288 21.32 15.40 -7.14
N PHE A 289 20.23 14.99 -6.49
CA PHE A 289 19.23 14.14 -7.14
C PHE A 289 18.04 14.91 -7.71
N GLN A 290 17.94 16.23 -7.48
CA GLN A 290 16.73 16.95 -7.86
C GLN A 290 16.53 16.97 -9.37
N ALA A 291 17.61 17.10 -10.14
CA ALA A 291 17.47 17.14 -11.60
C ALA A 291 16.83 15.87 -12.12
N GLU A 292 17.35 14.70 -11.67
CA GLU A 292 16.81 13.43 -12.12
CA GLU A 292 16.81 13.42 -12.12
C GLU A 292 15.34 13.27 -11.71
N LEU A 293 14.99 13.71 -10.52
CA LEU A 293 13.61 13.56 -10.06
C LEU A 293 12.67 14.49 -10.81
N LYS A 294 13.12 15.70 -11.13
CA LYS A 294 12.28 16.59 -11.93
C LYS A 294 12.14 16.06 -13.35
N ALA A 295 13.23 15.56 -13.95
CA ALA A 295 13.14 14.96 -15.28
C ALA A 295 12.20 13.77 -15.26
N LEU A 296 12.25 12.94 -14.22
CA LEU A 296 11.31 11.83 -14.11
C LEU A 296 9.87 12.33 -14.06
N ALA A 297 9.58 13.33 -13.23
CA ALA A 297 8.22 13.86 -13.19
C ALA A 297 7.79 14.33 -14.58
N GLN A 298 8.66 15.07 -15.28
CA GLN A 298 8.31 15.52 -16.63
C GLN A 298 8.01 14.33 -17.54
N GLN A 299 8.88 13.32 -17.52
CA GLN A 299 8.68 12.15 -18.38
C GLN A 299 7.36 11.45 -18.08
N LEU A 300 7.03 11.28 -16.79
CA LEU A 300 5.78 10.58 -16.44
C LEU A 300 4.57 11.39 -16.88
N MET A 301 4.62 12.71 -16.71
CA MET A 301 3.48 13.51 -17.15
C MET A 301 3.32 13.46 -18.66
N GLN A 302 4.44 13.47 -19.39
CA GLN A 302 4.35 13.42 -20.85
C GLN A 302 3.74 12.10 -21.30
N GLU A 303 4.08 11.03 -20.57
CA GLU A 303 3.65 9.67 -20.91
C GLU A 303 2.15 9.51 -20.84
N ARG A 304 1.47 10.25 -19.96
CA ARG A 304 0.00 10.29 -19.96
C ARG A 304 -0.58 11.01 -21.17
#